data_6KYP
#
_entry.id   6KYP
#
_cell.length_a   60.710
_cell.length_b   102.478
_cell.length_c   61.465
_cell.angle_alpha   90.000
_cell.angle_beta   100.150
_cell.angle_gamma   90.000
#
_symmetry.space_group_name_H-M   'P 1 21 1'
#
loop_
_entity.id
_entity.type
_entity.pdbx_description
1 polymer 'Peroxisome proliferator-activated receptor alpha'
2 non-polymer 2-chloro-5-nitro-N-phenylbenzamide
3 non-polymer '2-(4-chloranylphenoxy)-2-methyl-propanoic acid'
#
_entity_poly.entity_id   1
_entity_poly.type   'polypeptide(L)'
_entity_poly.pdbx_seq_one_letter_code
;GSHMTADLKSLAKRIYEAYLKNFNMNKVKARVILSGKASNNPPFVIHDMETLCMAEKTLVAKLVANGIQNKEAEVRIFHC
CQCTSVETVTELTEFAKAIPGFANLDLNDQVTLLKYGVYEAIFAMLSSVMNKDGMLVAYGNGFITREFLKSLRKPFCDIM
EPKFDFAMKFNALELDDSDISLFVAAIICCGDRPGLLNVGHIEKMQEGIVHVLRLHLQSNHPDDIFLFPKLLQKMADLRQ
LVTEHAQLVQIIKKTESDAALHPLLQEIYRDMY
;
_entity_poly.pdbx_strand_id   A,B
#
loop_
_chem_comp.id
_chem_comp.type
_chem_comp.name
_chem_comp.formula
E0O non-polymer '2-(4-chloranylphenoxy)-2-methyl-propanoic acid' 'C10 H11 Cl O3'
GW9 non-polymer 2-chloro-5-nitro-N-phenylbenzamide 'C13 H9 Cl N2 O3'
#
# COMPACT_ATOMS: atom_id res chain seq x y z
N MET A 4 -21.84 3.38 0.33
CA MET A 4 -21.73 4.62 1.10
C MET A 4 -23.08 5.33 1.17
N THR A 5 -23.94 4.87 2.08
CA THR A 5 -25.26 5.44 2.22
C THR A 5 -25.17 6.88 2.75
N ALA A 6 -26.30 7.59 2.70
CA ALA A 6 -26.32 8.96 3.16
C ALA A 6 -26.07 9.06 4.66
N ASP A 7 -26.40 8.01 5.41
CA ASP A 7 -26.15 8.04 6.85
C ASP A 7 -24.67 7.96 7.17
N LEU A 8 -23.91 7.16 6.39
CA LEU A 8 -22.47 7.08 6.59
C LEU A 8 -21.79 8.41 6.26
N LYS A 9 -22.19 9.03 5.15
CA LYS A 9 -21.68 10.35 4.81
C LYS A 9 -21.91 11.32 5.97
N SER A 10 -23.12 11.30 6.53
CA SER A 10 -23.44 12.20 7.64
C SER A 10 -22.58 11.89 8.86
N LEU A 11 -22.55 10.62 9.29
CA LEU A 11 -21.70 10.23 10.39
C LEU A 11 -20.26 10.67 10.18
N ALA A 12 -19.79 10.62 8.93
CA ALA A 12 -18.42 11.01 8.63
C ALA A 12 -18.22 12.52 8.69
N LYS A 13 -19.24 13.29 8.32
CA LYS A 13 -19.13 14.75 8.40
C LYS A 13 -19.36 15.27 9.81
N ARG A 14 -20.22 14.61 10.59
CA ARG A 14 -20.41 15.04 11.98
C ARG A 14 -19.18 14.75 12.82
N ILE A 15 -18.46 13.66 12.51
CA ILE A 15 -17.17 13.44 13.16
C ILE A 15 -16.13 14.42 12.64
N TYR A 16 -16.09 14.63 11.32
CA TYR A 16 -15.23 15.65 10.76
C TYR A 16 -15.49 17.00 11.40
N GLU A 17 -16.76 17.29 11.70
CA GLU A 17 -17.09 18.57 12.32
C GLU A 17 -16.55 18.64 13.75
N ALA A 18 -16.78 17.60 14.54
CA ALA A 18 -16.23 17.57 15.90
C ALA A 18 -14.72 17.70 15.87
N TYR A 19 -14.07 16.97 14.96
CA TYR A 19 -12.62 17.09 14.78
C TYR A 19 -12.21 18.54 14.60
N LEU A 20 -12.93 19.27 13.75
CA LEU A 20 -12.58 20.65 13.48
C LEU A 20 -12.85 21.54 14.68
N LYS A 21 -13.99 21.36 15.35
CA LYS A 21 -14.39 22.24 16.43
C LYS A 21 -13.76 21.90 17.77
N ASN A 22 -12.95 20.83 17.85
CA ASN A 22 -12.27 20.47 19.08
C ASN A 22 -10.76 20.54 19.01
N PHE A 23 -10.18 20.58 17.81
CA PHE A 23 -8.74 20.67 17.63
C PHE A 23 -8.42 21.95 16.85
N ASN A 24 -7.86 22.93 17.54
CA ASN A 24 -7.60 24.22 16.91
C ASN A 24 -6.66 24.07 15.71
N MET A 25 -5.67 23.20 15.82
CA MET A 25 -4.70 22.97 14.76
C MET A 25 -5.12 21.75 13.96
N ASN A 26 -5.27 21.91 12.64
CA ASN A 26 -5.64 20.84 11.74
C ASN A 26 -4.60 20.75 10.62
N LYS A 27 -4.77 19.78 9.73
CA LYS A 27 -3.77 19.55 8.69
C LYS A 27 -3.85 20.55 7.56
N VAL A 28 -5.01 21.18 7.34
CA VAL A 28 -5.09 22.20 6.29
C VAL A 28 -4.41 23.48 6.74
N LYS A 29 -4.61 23.88 8.00
CA LYS A 29 -3.94 25.07 8.52
C LYS A 29 -2.42 24.86 8.56
N ALA A 30 -1.98 23.67 9.02
CA ALA A 30 -0.55 23.41 9.07
C ALA A 30 0.05 23.36 7.67
N ARG A 31 -0.62 22.71 6.73
N ARG A 31 -0.63 22.69 6.74
CA ARG A 31 -0.07 22.60 5.39
CA ARG A 31 -0.12 22.59 5.37
C ARG A 31 -0.03 23.92 4.65
C ARG A 31 0.03 23.96 4.74
N VAL A 32 -0.88 24.89 5.04
CA VAL A 32 -0.81 26.22 4.45
C VAL A 32 0.28 27.05 5.11
N ILE A 33 0.45 26.91 6.42
CA ILE A 33 1.54 27.60 7.11
C ILE A 33 2.89 27.08 6.60
N LEU A 34 3.04 25.76 6.54
CA LEU A 34 4.30 25.18 6.07
C LEU A 34 4.56 25.52 4.61
N SER A 35 3.52 25.70 3.82
CA SER A 35 3.71 25.99 2.40
C SER A 35 4.11 27.44 2.16
N GLY A 36 3.53 28.37 2.93
CA GLY A 36 3.84 29.78 2.79
C GLY A 36 3.16 30.48 1.65
N LYS A 37 2.15 29.88 1.04
CA LYS A 37 1.43 30.49 -0.08
C LYS A 37 0.26 31.35 0.38
N ALA A 38 0.14 31.61 1.68
CA ALA A 38 -0.95 32.43 2.22
C ALA A 38 -0.44 33.49 3.18
N SER A 39 0.85 33.79 3.15
CA SER A 39 1.45 34.77 4.07
C SER A 39 2.97 34.79 3.92
N ASN A 40 3.56 35.99 3.99
CA ASN A 40 5.01 36.14 3.97
C ASN A 40 5.61 36.20 5.37
N ASN A 41 4.82 35.96 6.40
CA ASN A 41 5.26 36.05 7.79
C ASN A 41 5.46 34.66 8.36
N PRO A 42 6.60 34.03 8.10
CA PRO A 42 6.78 32.63 8.50
C PRO A 42 6.84 32.50 10.02
N PRO A 43 6.63 31.30 10.55
CA PRO A 43 6.72 31.12 12.00
C PRO A 43 8.16 31.27 12.49
N PHE A 44 8.29 31.65 13.75
CA PHE A 44 9.61 31.83 14.34
C PHE A 44 10.30 30.49 14.46
N VAL A 45 11.49 30.38 13.85
CA VAL A 45 12.22 29.12 13.79
C VAL A 45 13.08 28.96 15.04
N ILE A 46 13.03 27.78 15.63
CA ILE A 46 13.80 27.45 16.82
C ILE A 46 14.79 26.35 16.41
N HIS A 47 16.04 26.74 16.17
CA HIS A 47 17.05 25.81 15.68
C HIS A 47 18.24 25.64 16.61
N ASP A 48 18.47 26.56 17.54
CA ASP A 48 19.58 26.44 18.49
C ASP A 48 19.11 26.96 19.85
N MET A 49 20.01 26.90 20.84
CA MET A 49 19.65 27.30 22.19
C MET A 49 19.32 28.79 22.27
N GLU A 50 19.98 29.61 21.47
CA GLU A 50 19.69 31.05 21.51
C GLU A 50 18.28 31.33 21.02
N THR A 51 17.90 30.78 19.88
CA THR A 51 16.56 30.99 19.36
C THR A 51 15.50 30.44 20.31
N LEU A 52 15.82 29.38 21.05
CA LEU A 52 14.89 28.86 22.04
C LEU A 52 14.65 29.86 23.15
N CYS A 53 15.72 30.52 23.62
CA CYS A 53 15.57 31.51 24.68
C CYS A 53 14.84 32.75 24.20
N MET A 54 15.10 33.17 22.95
CA MET A 54 14.35 34.28 22.38
C MET A 54 12.86 33.99 22.38
N ALA A 55 12.47 32.84 21.82
CA ALA A 55 11.07 32.44 21.85
C ALA A 55 10.55 32.38 23.27
N GLU A 56 11.37 31.84 24.19
CA GLU A 56 10.93 31.71 25.58
C GLU A 56 10.61 33.05 26.21
N LYS A 57 11.15 34.15 25.67
CA LYS A 57 10.82 35.47 26.20
C LYS A 57 9.33 35.78 26.13
N THR A 58 8.56 35.00 25.37
CA THR A 58 7.13 35.25 25.25
C THR A 58 6.36 34.67 26.43
N LEU A 59 6.81 33.54 26.98
CA LEU A 59 6.15 32.90 28.11
C LEU A 59 7.03 32.92 29.35
N VAL A 60 7.82 33.97 29.53
CA VAL A 60 8.70 34.06 30.70
C VAL A 60 7.90 33.95 31.99
N ALA A 61 6.67 34.49 32.00
CA ALA A 61 5.86 34.42 33.21
C ALA A 61 5.54 32.98 33.57
N LYS A 62 5.08 32.20 32.59
CA LYS A 62 4.73 30.81 32.87
C LYS A 62 5.94 29.99 33.26
N LEU A 63 7.14 30.37 32.78
CA LEU A 63 8.35 29.65 33.15
C LEU A 63 8.70 29.85 34.62
N VAL A 64 8.57 31.08 35.12
CA VAL A 64 8.92 31.36 36.51
C VAL A 64 7.86 30.80 37.44
N ALA A 65 6.59 30.81 37.03
CA ALA A 65 5.52 30.28 37.87
C ALA A 65 5.60 28.77 38.03
N ASN A 66 6.31 28.08 37.13
CA ASN A 66 6.50 26.64 37.22
C ASN A 66 7.86 26.26 37.75
N GLY A 67 8.68 27.22 38.14
CA GLY A 67 10.01 26.94 38.69
C GLY A 67 10.96 26.31 37.71
N ILE A 68 10.97 26.76 36.47
CA ILE A 68 11.78 26.14 35.42
C ILE A 68 12.72 27.11 34.72
N GLN A 69 12.52 28.42 34.83
CA GLN A 69 13.31 29.37 34.05
C GLN A 69 14.80 29.11 34.16
N ASN A 70 15.26 28.61 35.30
CA ASN A 70 16.68 28.34 35.52
C ASN A 70 17.06 26.89 35.31
N LYS A 71 16.11 26.03 34.93
CA LYS A 71 16.41 24.63 34.70
C LYS A 71 17.10 24.45 33.35
N GLU A 72 17.35 23.20 32.98
CA GLU A 72 17.99 22.89 31.72
C GLU A 72 17.02 23.08 30.57
N ALA A 73 17.57 23.45 29.40
CA ALA A 73 16.73 23.63 28.22
C ALA A 73 15.90 22.38 27.93
N GLU A 74 16.50 21.20 28.10
CA GLU A 74 15.77 19.96 27.87
C GLU A 74 14.57 19.85 28.79
N VAL A 75 14.69 20.34 30.02
CA VAL A 75 13.60 20.24 30.98
C VAL A 75 12.51 21.27 30.65
N ARG A 76 12.91 22.46 30.20
CA ARG A 76 11.94 23.49 29.88
C ARG A 76 11.08 23.07 28.69
N ILE A 77 11.72 22.63 27.61
CA ILE A 77 10.99 22.20 26.41
C ILE A 77 9.90 21.20 26.78
N PHE A 78 10.31 20.08 27.36
CA PHE A 78 9.39 18.98 27.61
C PHE A 78 8.60 19.15 28.90
N HIS A 79 8.73 20.30 29.56
CA HIS A 79 7.74 20.68 30.56
C HIS A 79 6.57 21.39 29.90
N CYS A 80 6.85 22.18 28.85
CA CYS A 80 5.78 22.78 28.06
C CYS A 80 5.16 21.78 27.08
N CYS A 81 5.96 20.85 26.54
CA CYS A 81 5.39 19.78 25.73
C CYS A 81 4.29 19.04 26.47
N GLN A 82 4.41 18.95 27.80
CA GLN A 82 3.39 18.25 28.57
C GLN A 82 2.08 19.01 28.60
N CYS A 83 2.14 20.34 28.53
CA CYS A 83 0.91 21.13 28.48
C CYS A 83 0.11 20.83 27.22
N THR A 84 0.78 20.85 26.06
CA THR A 84 0.11 20.49 24.82
C THR A 84 -0.53 19.11 24.95
N SER A 85 0.17 18.16 25.57
CA SER A 85 -0.39 16.83 25.77
C SER A 85 -1.69 16.89 26.57
N VAL A 86 -1.67 17.61 27.69
CA VAL A 86 -2.87 17.72 28.52
C VAL A 86 -3.99 18.40 27.74
N GLU A 87 -3.66 19.43 26.95
CA GLU A 87 -4.66 20.09 26.13
C GLU A 87 -5.29 19.11 25.15
N THR A 88 -4.44 18.38 24.41
CA THR A 88 -4.96 17.44 23.43
C THR A 88 -5.76 16.31 24.08
N VAL A 89 -5.37 15.91 25.29
CA VAL A 89 -6.16 14.92 26.02
C VAL A 89 -7.53 15.49 26.37
N THR A 90 -7.61 16.80 26.59
CA THR A 90 -8.90 17.44 26.83
C THR A 90 -9.69 17.57 25.54
N GLU A 91 -9.08 18.16 24.51
CA GLU A 91 -9.73 18.22 23.21
C GLU A 91 -10.19 16.85 22.75
N LEU A 92 -9.35 15.83 22.95
CA LEU A 92 -9.72 14.47 22.56
C LEU A 92 -10.93 13.97 23.34
N THR A 93 -10.96 14.23 24.65
CA THR A 93 -12.10 13.79 25.46
C THR A 93 -13.40 14.38 24.92
N GLU A 94 -13.41 15.68 24.64
CA GLU A 94 -14.61 16.30 24.09
C GLU A 94 -14.91 15.79 22.69
N PHE A 95 -13.88 15.39 21.94
CA PHE A 95 -14.09 14.83 20.61
C PHE A 95 -14.81 13.50 20.69
N ALA A 96 -14.50 12.68 21.70
CA ALA A 96 -15.11 11.37 21.81
C ALA A 96 -16.61 11.45 22.03
N LYS A 97 -17.12 12.58 22.54
CA LYS A 97 -18.56 12.72 22.73
C LYS A 97 -19.33 12.72 21.42
N ALA A 98 -18.65 12.72 20.28
CA ALA A 98 -19.30 12.67 18.98
C ALA A 98 -19.33 11.27 18.38
N ILE A 99 -18.55 10.34 18.90
CA ILE A 99 -18.58 8.97 18.39
C ILE A 99 -19.92 8.33 18.76
N PRO A 100 -20.64 7.74 17.79
CA PRO A 100 -21.94 7.14 18.12
C PRO A 100 -21.84 6.13 19.25
N GLY A 101 -22.69 6.31 20.26
CA GLY A 101 -22.78 5.37 21.35
C GLY A 101 -21.63 5.41 22.35
N PHE A 102 -20.75 6.40 22.26
CA PHE A 102 -19.63 6.48 23.21
C PHE A 102 -20.10 6.97 24.57
N ALA A 103 -20.88 8.06 24.59
CA ALA A 103 -21.36 8.60 25.86
C ALA A 103 -22.25 7.58 26.60
N ASN A 104 -22.89 6.67 25.87
CA ASN A 104 -23.76 5.68 26.47
C ASN A 104 -23.01 4.47 27.03
N LEU A 105 -21.69 4.56 27.12
CA LEU A 105 -20.88 3.49 27.69
C LEU A 105 -20.62 3.74 29.17
N ASP A 106 -20.23 2.68 29.88
CA ASP A 106 -19.89 2.82 31.29
C ASP A 106 -18.75 3.81 31.46
N LEU A 107 -18.88 4.66 32.48
CA LEU A 107 -17.87 5.68 32.73
C LEU A 107 -16.47 5.09 32.81
N ASN A 108 -16.33 3.95 33.50
CA ASN A 108 -15.02 3.33 33.61
C ASN A 108 -14.51 2.83 32.26
N ASP A 109 -15.42 2.54 31.31
CA ASP A 109 -14.98 2.18 29.98
C ASP A 109 -14.48 3.39 29.21
N GLN A 110 -15.20 4.52 29.31
CA GLN A 110 -14.78 5.73 28.60
C GLN A 110 -13.38 6.14 29.04
N VAL A 111 -13.06 5.99 30.32
CA VAL A 111 -11.72 6.33 30.80
C VAL A 111 -10.69 5.36 30.26
N THR A 112 -11.03 4.06 30.25
CA THR A 112 -10.08 3.06 29.78
C THR A 112 -9.78 3.22 28.29
N LEU A 113 -10.80 3.55 27.50
CA LEU A 113 -10.58 3.77 26.07
C LEU A 113 -9.71 4.99 25.83
N LEU A 114 -9.94 6.07 26.57
CA LEU A 114 -9.12 7.27 26.40
C LEU A 114 -7.75 7.10 27.04
N LYS A 115 -7.64 6.27 28.08
CA LYS A 115 -6.35 6.05 28.72
C LYS A 115 -5.32 5.51 27.72
N TYR A 116 -5.74 4.57 26.87
CA TYR A 116 -4.83 3.92 25.93
C TYR A 116 -4.87 4.54 24.54
N GLY A 117 -5.86 5.36 24.23
CA GLY A 117 -6.04 5.85 22.89
C GLY A 117 -5.51 7.25 22.63
N VAL A 118 -5.55 8.11 23.66
CA VAL A 118 -5.24 9.53 23.44
C VAL A 118 -3.84 9.69 22.87
N TYR A 119 -2.86 8.98 23.42
CA TYR A 119 -1.50 9.13 22.93
C TYR A 119 -1.30 8.52 21.57
N GLU A 120 -2.06 7.47 21.23
CA GLU A 120 -2.05 6.97 19.86
C GLU A 120 -2.64 8.00 18.92
N ALA A 121 -3.70 8.69 19.34
CA ALA A 121 -4.29 9.74 18.52
C ALA A 121 -3.38 10.97 18.47
N ILE A 122 -2.73 11.29 19.59
CA ILE A 122 -1.82 12.42 19.62
C ILE A 122 -0.72 12.25 18.58
N PHE A 123 0.02 11.14 18.68
CA PHE A 123 1.11 10.90 17.73
C PHE A 123 0.59 10.80 16.30
N ALA A 124 -0.67 10.36 16.13
CA ALA A 124 -1.28 10.37 14.80
C ALA A 124 -1.45 11.79 14.29
N MET A 125 -2.17 12.62 15.04
CA MET A 125 -2.40 14.00 14.62
C MET A 125 -1.11 14.81 14.62
N LEU A 126 -0.16 14.49 15.51
CA LEU A 126 1.11 15.20 15.53
C LEU A 126 1.80 15.18 14.17
N SER A 127 1.48 14.19 13.33
CA SER A 127 2.09 14.13 12.01
C SER A 127 1.63 15.29 11.13
N SER A 128 0.40 15.78 11.34
CA SER A 128 -0.11 16.85 10.50
C SER A 128 0.78 18.08 10.53
N VAL A 129 1.45 18.33 11.66
CA VAL A 129 2.26 19.54 11.83
C VAL A 129 3.74 19.28 11.59
N MET A 130 4.08 18.13 11.00
CA MET A 130 5.47 17.73 10.83
C MET A 130 5.86 17.69 9.37
N ASN A 131 7.15 17.94 9.12
CA ASN A 131 7.80 17.65 7.85
C ASN A 131 9.18 17.10 8.17
N LYS A 132 9.95 16.80 7.13
CA LYS A 132 11.26 16.16 7.33
C LYS A 132 12.20 17.00 8.18
N ASP A 133 11.90 18.29 8.40
CA ASP A 133 12.83 19.19 9.05
C ASP A 133 12.39 19.69 10.41
N GLY A 134 11.11 19.56 10.77
CA GLY A 134 10.66 20.04 12.06
C GLY A 134 9.15 19.96 12.17
N MET A 135 8.63 20.67 13.18
CA MET A 135 7.21 20.63 13.49
C MET A 135 6.75 22.01 13.93
N LEU A 136 5.49 22.32 13.64
CA LEU A 136 4.90 23.56 14.08
C LEU A 136 4.61 23.53 15.57
N VAL A 137 4.76 24.68 16.22
CA VAL A 137 4.53 24.82 17.64
C VAL A 137 3.74 26.10 17.89
N ALA A 138 3.02 26.13 19.01
CA ALA A 138 2.23 27.31 19.40
C ALA A 138 1.25 27.70 18.29
N TYR A 139 0.40 26.73 17.92
CA TYR A 139 -0.63 26.95 16.92
C TYR A 139 -0.05 27.48 15.61
N GLY A 140 1.04 26.86 15.17
CA GLY A 140 1.66 27.24 13.92
C GLY A 140 2.41 28.56 13.96
N ASN A 141 2.56 29.17 15.14
CA ASN A 141 3.33 30.40 15.25
C ASN A 141 4.83 30.16 15.28
N GLY A 142 5.26 28.96 15.66
CA GLY A 142 6.67 28.65 15.71
C GLY A 142 6.98 27.34 15.02
N PHE A 143 8.26 27.15 14.71
CA PHE A 143 8.74 25.94 14.03
C PHE A 143 10.03 25.51 14.69
N ILE A 144 10.00 24.41 15.43
CA ILE A 144 11.17 23.86 16.09
C ILE A 144 11.75 22.76 15.20
N THR A 145 13.05 22.84 14.94
CA THR A 145 13.66 22.00 13.93
C THR A 145 13.95 20.59 14.46
N ARG A 146 14.01 19.64 13.54
CA ARG A 146 14.23 18.25 13.91
C ARG A 146 15.66 18.02 14.40
N GLU A 147 16.63 18.72 13.82
CA GLU A 147 18.01 18.58 14.25
C GLU A 147 18.19 19.09 15.67
N PHE A 148 17.74 20.32 15.94
CA PHE A 148 17.86 20.87 17.29
C PHE A 148 17.31 19.93 18.34
N LEU A 149 16.24 19.19 18.00
CA LEU A 149 15.69 18.22 18.94
C LEU A 149 16.60 17.02 19.11
N LYS A 150 17.35 16.65 18.06
CA LYS A 150 18.31 15.58 18.18
C LYS A 150 19.57 16.02 18.92
N SER A 151 19.93 17.31 18.81
CA SER A 151 21.14 17.80 19.47
C SER A 151 20.99 17.84 20.99
N LEU A 152 19.77 17.90 21.50
CA LEU A 152 19.57 17.89 22.95
C LEU A 152 20.23 16.66 23.56
N ARG A 153 20.71 16.81 24.79
CA ARG A 153 21.41 15.72 25.45
C ARG A 153 20.48 14.53 25.64
N LYS A 154 21.08 13.36 25.80
CA LYS A 154 20.30 12.17 26.12
C LYS A 154 19.70 12.29 27.52
N PRO A 155 18.53 11.69 27.75
CA PRO A 155 17.77 10.89 26.78
C PRO A 155 16.73 11.71 26.01
N PHE A 156 16.72 13.03 26.22
CA PHE A 156 15.65 13.86 25.66
C PHE A 156 15.65 13.82 24.13
N CYS A 157 16.83 13.81 23.52
CA CYS A 157 16.91 13.70 22.07
C CYS A 157 16.27 12.42 21.54
N ASP A 158 16.00 11.44 22.41
CA ASP A 158 15.38 10.19 22.01
C ASP A 158 13.86 10.23 22.09
N ILE A 159 13.28 11.37 22.44
CA ILE A 159 11.83 11.45 22.60
C ILE A 159 11.14 11.67 21.25
N MET A 160 11.49 12.76 20.57
CA MET A 160 10.72 13.18 19.39
C MET A 160 11.15 12.46 18.12
N GLU A 161 12.44 12.16 17.97
CA GLU A 161 12.91 11.55 16.73
C GLU A 161 12.08 10.33 16.31
N PRO A 162 11.69 9.42 17.19
CA PRO A 162 10.81 8.33 16.75
C PRO A 162 9.51 8.82 16.14
N LYS A 163 8.95 9.91 16.68
CA LYS A 163 7.68 10.41 16.17
C LYS A 163 7.84 10.97 14.76
N PHE A 164 8.93 11.71 14.51
CA PHE A 164 9.23 12.13 13.15
C PHE A 164 9.29 10.95 12.20
N ASP A 165 9.98 9.88 12.62
CA ASP A 165 10.09 8.68 11.79
C ASP A 165 8.71 8.16 11.40
N PHE A 166 7.75 8.19 12.34
CA PHE A 166 6.40 7.74 12.04
C PHE A 166 5.70 8.69 11.08
N ALA A 167 5.81 9.99 11.34
CA ALA A 167 5.05 10.98 10.57
C ALA A 167 5.43 10.95 9.09
N MET A 168 6.72 10.83 8.79
CA MET A 168 7.16 10.87 7.40
C MET A 168 6.49 9.79 6.57
N LYS A 169 6.47 8.56 7.09
CA LYS A 169 5.79 7.48 6.40
C LYS A 169 4.27 7.62 6.47
N PHE A 170 3.76 8.28 7.52
CA PHE A 170 2.32 8.46 7.67
C PHE A 170 1.81 9.58 6.75
N ASN A 171 2.53 10.70 6.69
CA ASN A 171 2.14 11.75 5.76
C ASN A 171 2.19 11.27 4.32
N ALA A 172 3.01 10.27 4.02
CA ALA A 172 3.08 9.73 2.67
C ALA A 172 1.74 9.19 2.21
N LEU A 173 0.92 8.71 3.14
CA LEU A 173 -0.42 8.26 2.78
C LEU A 173 -1.30 9.40 2.28
N GLU A 174 -0.92 10.65 2.60
CA GLU A 174 -1.63 11.83 2.08
C GLU A 174 -3.09 11.87 2.54
N LEU A 175 -3.30 11.57 3.81
CA LEU A 175 -4.64 11.72 4.38
C LEU A 175 -4.96 13.19 4.58
N ASP A 176 -6.25 13.51 4.53
CA ASP A 176 -6.74 14.84 4.84
C ASP A 176 -7.53 14.81 6.14
N ASP A 177 -7.98 15.98 6.58
CA ASP A 177 -8.69 16.08 7.85
C ASP A 177 -9.92 15.19 7.87
N SER A 178 -10.55 14.95 6.72
CA SER A 178 -11.69 14.05 6.70
C SER A 178 -11.28 12.63 7.05
N ASP A 179 -10.15 12.17 6.52
CA ASP A 179 -9.69 10.82 6.81
C ASP A 179 -9.19 10.71 8.24
N ILE A 180 -8.50 11.73 8.73
CA ILE A 180 -7.84 11.65 10.03
C ILE A 180 -8.86 11.65 11.16
N SER A 181 -9.92 12.45 11.03
CA SER A 181 -10.96 12.47 12.07
C SER A 181 -11.53 11.08 12.29
N LEU A 182 -11.83 10.36 11.20
CA LEU A 182 -12.31 8.99 11.33
C LEU A 182 -11.21 8.07 11.84
N PHE A 183 -9.95 8.35 11.49
CA PHE A 183 -8.85 7.54 11.99
C PHE A 183 -8.68 7.70 13.49
N VAL A 184 -8.79 8.93 14.00
CA VAL A 184 -8.72 9.15 15.43
C VAL A 184 -9.90 8.51 16.14
N ALA A 185 -11.10 8.68 15.59
CA ALA A 185 -12.28 8.04 16.17
C ALA A 185 -12.10 6.54 16.24
N ALA A 186 -11.43 5.94 15.26
CA ALA A 186 -11.19 4.51 15.28
C ALA A 186 -10.20 4.13 16.37
N ILE A 187 -9.16 4.96 16.57
CA ILE A 187 -8.16 4.66 17.59
C ILE A 187 -8.82 4.59 18.97
N ILE A 188 -9.78 5.46 19.23
CA ILE A 188 -10.41 5.51 20.55
C ILE A 188 -11.25 4.27 20.80
N CYS A 189 -11.89 3.75 19.75
CA CYS A 189 -12.86 2.67 19.87
C CYS A 189 -12.25 1.28 19.79
N CYS A 190 -11.00 1.11 20.23
CA CYS A 190 -10.36 -0.21 20.20
C CYS A 190 -10.87 -1.04 21.36
N GLY A 191 -11.66 -2.07 21.05
CA GLY A 191 -12.09 -3.03 22.05
C GLY A 191 -11.00 -3.92 22.57
N ASP A 192 -9.75 -3.64 22.19
CA ASP A 192 -8.60 -4.44 22.56
C ASP A 192 -7.92 -3.95 23.83
N ARG A 193 -8.36 -2.83 24.40
CA ARG A 193 -7.69 -2.24 25.54
C ARG A 193 -7.81 -3.16 26.76
N PRO A 194 -6.75 -3.29 27.57
CA PRO A 194 -6.84 -4.08 28.80
C PRO A 194 -7.74 -3.39 29.82
N GLY A 195 -8.61 -4.17 30.45
CA GLY A 195 -9.45 -3.65 31.52
C GLY A 195 -10.76 -3.04 31.09
N LEU A 196 -11.42 -3.67 30.11
CA LEU A 196 -12.71 -3.20 29.61
C LEU A 196 -13.82 -4.03 30.25
N LEU A 197 -14.85 -3.35 30.74
CA LEU A 197 -15.97 -4.06 31.37
C LEU A 197 -16.88 -4.70 30.32
N ASN A 198 -17.51 -3.89 29.48
CA ASN A 198 -18.43 -4.37 28.46
C ASN A 198 -17.69 -4.45 27.12
N VAL A 199 -16.94 -5.53 26.94
CA VAL A 199 -16.21 -5.74 25.70
C VAL A 199 -17.13 -5.89 24.51
N GLY A 200 -18.43 -6.06 24.74
CA GLY A 200 -19.39 -6.18 23.66
C GLY A 200 -19.79 -4.84 23.08
N HIS A 201 -20.30 -3.95 23.91
CA HIS A 201 -20.75 -2.64 23.44
C HIS A 201 -19.67 -1.97 22.59
N ILE A 202 -18.42 -2.02 23.04
CA ILE A 202 -17.34 -1.33 22.33
C ILE A 202 -17.17 -1.92 20.93
N GLU A 203 -17.08 -3.25 20.84
CA GLU A 203 -16.89 -3.88 19.54
C GLU A 203 -17.98 -3.48 18.56
N LYS A 204 -19.24 -3.48 19.02
CA LYS A 204 -20.32 -3.03 18.15
C LYS A 204 -20.15 -1.56 17.77
N MET A 205 -19.57 -0.75 18.67
CA MET A 205 -19.34 0.64 18.36
C MET A 205 -18.17 0.81 17.39
N GLN A 206 -17.14 -0.03 17.54
CA GLN A 206 -15.98 0.07 16.67
C GLN A 206 -16.34 -0.31 15.23
N GLU A 207 -16.93 -1.50 15.05
CA GLU A 207 -17.28 -1.95 13.70
C GLU A 207 -18.12 -0.93 12.96
N GLY A 208 -18.85 -0.08 13.69
CA GLY A 208 -19.57 0.99 13.05
C GLY A 208 -18.66 2.12 12.60
N ILE A 209 -17.68 2.45 13.44
CA ILE A 209 -16.70 3.47 13.07
C ILE A 209 -15.76 2.94 12.01
N VAL A 210 -15.22 1.74 12.22
CA VAL A 210 -14.32 1.13 11.24
C VAL A 210 -15.01 1.03 9.88
N HIS A 211 -16.29 0.65 9.87
CA HIS A 211 -17.02 0.55 8.62
C HIS A 211 -17.00 1.88 7.86
N VAL A 212 -17.26 2.98 8.57
CA VAL A 212 -17.27 4.29 7.94
C VAL A 212 -15.87 4.64 7.44
N LEU A 213 -14.84 4.31 8.23
CA LEU A 213 -13.47 4.62 7.82
C LEU A 213 -13.12 3.95 6.50
N ARG A 214 -13.42 2.66 6.38
CA ARG A 214 -13.10 1.94 5.13
C ARG A 214 -13.83 2.57 3.95
N LEU A 215 -15.15 2.68 4.04
CA LEU A 215 -15.92 3.22 2.93
C LEU A 215 -15.45 4.63 2.57
N HIS A 216 -15.24 5.49 3.58
CA HIS A 216 -14.77 6.83 3.31
C HIS A 216 -13.41 6.81 2.61
N LEU A 217 -12.50 5.95 3.08
CA LEU A 217 -11.18 5.87 2.47
C LEU A 217 -11.23 5.33 1.05
N GLN A 218 -12.20 4.45 0.76
CA GLN A 218 -12.34 3.94 -0.60
C GLN A 218 -12.87 5.00 -1.55
N SER A 219 -13.69 5.91 -1.04
CA SER A 219 -14.26 6.96 -1.88
C SER A 219 -13.30 8.15 -2.02
N ASN A 220 -12.71 8.58 -0.91
CA ASN A 220 -11.85 9.76 -0.94
C ASN A 220 -10.50 9.48 -1.57
N HIS A 221 -10.00 8.26 -1.45
CA HIS A 221 -8.72 7.84 -2.04
C HIS A 221 -8.94 6.55 -2.80
N PRO A 222 -9.64 6.62 -3.94
CA PRO A 222 -9.96 5.38 -4.66
C PRO A 222 -8.75 4.73 -5.30
N ASP A 223 -7.73 5.51 -5.67
CA ASP A 223 -6.56 4.94 -6.32
C ASP A 223 -5.68 4.17 -5.34
N ASP A 224 -5.69 4.54 -4.06
CA ASP A 224 -4.95 3.80 -3.03
C ASP A 224 -5.84 2.66 -2.57
N ILE A 225 -5.82 1.58 -3.36
CA ILE A 225 -6.76 0.48 -3.16
C ILE A 225 -6.70 -0.04 -1.72
N PHE A 226 -5.49 -0.22 -1.20
CA PHE A 226 -5.29 -0.79 0.13
C PHE A 226 -4.96 0.27 1.18
N LEU A 227 -5.45 1.49 1.00
CA LEU A 227 -5.18 2.54 1.99
C LEU A 227 -5.74 2.15 3.35
N PHE A 228 -6.94 1.58 3.38
CA PHE A 228 -7.51 1.12 4.65
C PHE A 228 -6.59 0.12 5.35
N PRO A 229 -6.20 -0.99 4.73
CA PRO A 229 -5.28 -1.92 5.40
C PRO A 229 -4.03 -1.24 5.94
N LYS A 230 -3.42 -0.34 5.15
CA LYS A 230 -2.21 0.33 5.59
C LYS A 230 -2.44 1.08 6.90
N LEU A 231 -3.52 1.86 6.97
CA LEU A 231 -3.84 2.58 8.20
C LEU A 231 -4.03 1.62 9.36
N LEU A 232 -4.67 0.48 9.11
CA LEU A 232 -4.76 -0.55 10.14
C LEU A 232 -3.37 -0.91 10.66
N GLN A 233 -2.42 -1.13 9.75
N GLN A 233 -2.41 -1.12 9.76
CA GLN A 233 -1.04 -1.34 10.17
CA GLN A 233 -1.04 -1.35 10.21
C GLN A 233 -0.51 -0.12 10.92
C GLN A 233 -0.48 -0.12 10.91
N LYS A 234 -0.92 1.08 10.50
CA LYS A 234 -0.49 2.29 11.19
C LYS A 234 -1.02 2.34 12.62
N MET A 235 -2.22 1.82 12.85
CA MET A 235 -2.73 1.72 14.21
C MET A 235 -1.87 0.78 15.05
N ALA A 236 -1.57 -0.40 14.50
CA ALA A 236 -0.62 -1.29 15.16
C ALA A 236 0.67 -0.56 15.49
N ASP A 237 1.26 0.10 14.48
CA ASP A 237 2.50 0.85 14.70
C ASP A 237 2.32 1.87 15.81
N LEU A 238 1.18 2.57 15.84
CA LEU A 238 0.96 3.59 16.85
C LEU A 238 0.92 2.99 18.25
N ARG A 239 0.25 1.84 18.40
CA ARG A 239 0.25 1.16 19.70
C ARG A 239 1.67 0.86 20.15
N GLN A 240 2.51 0.35 19.25
CA GLN A 240 3.90 0.10 19.59
C GLN A 240 4.64 1.41 19.88
N LEU A 241 4.33 2.46 19.13
CA LEU A 241 5.00 3.75 19.33
C LEU A 241 4.70 4.30 20.71
N VAL A 242 3.42 4.27 21.12
CA VAL A 242 3.05 4.74 22.44
C VAL A 242 3.62 3.82 23.51
N THR A 243 3.56 2.50 23.27
CA THR A 243 4.16 1.55 24.21
C THR A 243 5.62 1.90 24.48
N GLU A 244 6.40 2.09 23.42
CA GLU A 244 7.80 2.47 23.59
C GLU A 244 7.92 3.85 24.24
N HIS A 245 6.99 4.75 23.93
CA HIS A 245 7.04 6.09 24.51
C HIS A 245 6.89 6.04 26.03
N ALA A 246 5.87 5.32 26.51
CA ALA A 246 5.65 5.22 27.96
C ALA A 246 6.87 4.64 28.66
N GLN A 247 7.62 3.77 27.98
CA GLN A 247 8.84 3.23 28.58
C GLN A 247 9.91 4.30 28.72
N LEU A 248 10.06 5.16 27.71
CA LEU A 248 11.07 6.22 27.80
C LEU A 248 10.66 7.28 28.82
N VAL A 249 9.36 7.52 28.99
CA VAL A 249 8.92 8.52 29.95
C VAL A 249 9.16 8.03 31.38
N GLN A 250 8.99 6.72 31.61
CA GLN A 250 9.31 6.16 32.93
C GLN A 250 10.81 6.25 33.21
N ILE A 251 11.63 5.84 32.24
CA ILE A 251 13.07 5.93 32.41
C ILE A 251 13.51 7.37 32.67
N ILE A 252 12.82 8.34 32.07
CA ILE A 252 13.21 9.73 32.28
C ILE A 252 12.70 10.25 33.62
N LYS A 253 11.53 9.80 34.07
CA LYS A 253 11.02 10.27 35.36
C LYS A 253 11.86 9.75 36.50
N LYS A 254 12.56 8.63 36.32
CA LYS A 254 13.34 8.00 37.37
C LYS A 254 14.83 8.33 37.32
N THR A 255 15.30 8.98 36.25
CA THR A 255 16.71 9.33 36.12
C THR A 255 16.93 10.82 35.87
N GLU A 256 15.90 11.64 35.99
CA GLU A 256 16.01 13.08 35.78
C GLU A 256 15.23 13.77 36.91
N SER A 257 15.97 14.26 37.91
CA SER A 257 15.33 14.86 39.07
C SER A 257 14.55 16.12 38.72
N ASP A 258 14.97 16.83 37.67
CA ASP A 258 14.37 18.10 37.31
C ASP A 258 13.10 17.97 36.47
N ALA A 259 12.77 16.76 36.03
CA ALA A 259 11.66 16.54 35.11
C ALA A 259 10.50 15.91 35.87
N ALA A 260 9.45 16.68 36.12
CA ALA A 260 8.25 16.19 36.77
C ALA A 260 7.24 15.71 35.74
N LEU A 261 6.28 14.93 36.20
CA LEU A 261 5.25 14.37 35.33
C LEU A 261 3.90 14.96 35.73
N HIS A 262 3.23 15.59 34.78
CA HIS A 262 1.98 16.26 35.07
C HIS A 262 0.99 15.29 35.70
N PRO A 263 0.23 15.72 36.71
CA PRO A 263 -0.69 14.78 37.38
C PRO A 263 -1.62 14.04 36.43
N LEU A 264 -2.33 14.75 35.55
CA LEU A 264 -3.22 14.07 34.61
C LEU A 264 -2.47 13.08 33.74
N LEU A 265 -1.22 13.40 33.37
CA LEU A 265 -0.45 12.48 32.54
C LEU A 265 0.03 11.27 33.34
N GLN A 266 0.39 11.47 34.60
CA GLN A 266 0.78 10.35 35.44
C GLN A 266 -0.30 9.28 35.45
N GLU A 267 -1.55 9.69 35.69
CA GLU A 267 -2.64 8.72 35.73
C GLU A 267 -2.75 7.96 34.43
N ILE A 268 -2.55 8.64 33.30
CA ILE A 268 -2.58 7.97 32.01
C ILE A 268 -1.51 6.88 31.96
N TYR A 269 -0.28 7.24 32.30
CA TYR A 269 0.83 6.31 32.17
C TYR A 269 0.79 5.21 33.22
N ARG A 270 0.18 5.48 34.36
CA ARG A 270 0.18 4.51 35.45
C ARG A 270 -0.47 3.21 35.03
N ASP A 271 0.21 2.09 35.34
CA ASP A 271 -0.31 0.76 35.08
C ASP A 271 -0.87 0.63 33.67
N MET A 272 -0.18 1.25 32.71
CA MET A 272 -0.57 1.18 31.30
C MET A 272 0.10 -0.01 30.64
N TYR A 273 1.39 0.13 30.31
CA TYR A 273 2.18 -0.98 29.80
C TYR A 273 3.31 -1.30 30.78
N MET B 4 17.26 -2.78 -40.76
CA MET B 4 16.21 -2.07 -40.05
C MET B 4 15.67 -0.91 -40.88
N THR B 5 14.67 -1.19 -41.71
CA THR B 5 14.06 -0.16 -42.54
C THR B 5 13.35 0.87 -41.66
N ALA B 6 12.57 1.75 -42.29
CA ALA B 6 11.66 2.61 -41.56
C ALA B 6 10.27 2.00 -41.45
N ASP B 7 9.88 1.18 -42.42
CA ASP B 7 8.62 0.46 -42.35
C ASP B 7 8.58 -0.45 -41.13
N LEU B 8 9.54 -1.39 -41.04
CA LEU B 8 9.56 -2.33 -39.92
C LEU B 8 9.43 -1.61 -38.59
N LYS B 9 10.15 -0.49 -38.41
CA LYS B 9 10.01 0.28 -37.19
C LYS B 9 8.56 0.70 -36.97
N SER B 10 7.86 1.07 -38.04
CA SER B 10 6.43 1.33 -37.93
C SER B 10 5.70 0.13 -37.34
N LEU B 11 5.86 -1.04 -37.97
CA LEU B 11 5.25 -2.25 -37.42
C LEU B 11 5.65 -2.47 -35.98
N ALA B 12 6.92 -2.21 -35.66
CA ALA B 12 7.37 -2.32 -34.27
C ALA B 12 6.62 -1.34 -33.38
N LYS B 13 6.56 -0.08 -33.79
CA LYS B 13 5.82 0.92 -33.01
C LYS B 13 4.34 0.57 -32.95
N ARG B 14 3.77 0.13 -34.07
CA ARG B 14 2.36 -0.26 -34.07
C ARG B 14 2.09 -1.35 -33.05
N ILE B 15 2.96 -2.35 -32.97
CA ILE B 15 2.81 -3.41 -31.97
C ILE B 15 3.06 -2.86 -30.58
N TYR B 16 4.07 -1.99 -30.43
CA TYR B 16 4.35 -1.39 -29.13
C TYR B 16 3.14 -0.64 -28.59
N GLU B 17 2.51 0.18 -29.44
CA GLU B 17 1.37 0.98 -28.99
C GLU B 17 0.20 0.09 -28.60
N ALA B 18 -0.11 -0.91 -29.42
CA ALA B 18 -1.19 -1.84 -29.07
C ALA B 18 -0.92 -2.51 -27.73
N TYR B 19 0.36 -2.76 -27.41
CA TYR B 19 0.73 -3.32 -26.12
C TYR B 19 0.41 -2.36 -24.99
N LEU B 20 0.94 -1.13 -25.07
CA LEU B 20 0.69 -0.14 -24.03
C LEU B 20 -0.78 0.19 -23.89
N LYS B 21 -1.54 0.15 -24.99
CA LYS B 21 -2.95 0.50 -24.96
C LYS B 21 -3.82 -0.62 -24.39
N ASN B 22 -3.33 -1.85 -24.35
CA ASN B 22 -4.14 -3.00 -23.97
C ASN B 22 -3.77 -3.63 -22.63
N PHE B 23 -2.59 -3.34 -22.10
CA PHE B 23 -2.16 -3.91 -20.82
C PHE B 23 -1.91 -2.76 -19.85
N ASN B 24 -2.74 -2.68 -18.81
CA ASN B 24 -2.63 -1.62 -17.82
C ASN B 24 -1.25 -1.55 -17.21
N MET B 25 -0.70 -2.71 -16.83
CA MET B 25 0.55 -2.78 -16.08
C MET B 25 1.68 -3.13 -17.04
N ASN B 26 2.41 -2.12 -17.48
CA ASN B 26 3.59 -2.33 -18.30
C ASN B 26 4.83 -2.43 -17.40
N LYS B 27 5.99 -2.71 -18.00
CA LYS B 27 7.19 -2.92 -17.21
C LYS B 27 7.74 -1.62 -16.64
N VAL B 28 7.46 -0.48 -17.27
CA VAL B 28 8.00 0.78 -16.78
C VAL B 28 7.25 1.25 -15.54
N LYS B 29 5.92 1.02 -15.50
CA LYS B 29 5.17 1.33 -14.28
C LYS B 29 5.58 0.42 -13.14
N ALA B 30 5.85 -0.85 -13.44
CA ALA B 30 6.17 -1.80 -12.38
C ALA B 30 7.55 -1.53 -11.78
N ARG B 31 8.52 -1.14 -12.61
CA ARG B 31 9.84 -0.84 -12.09
C ARG B 31 9.85 0.47 -11.32
N VAL B 32 8.93 1.39 -11.64
CA VAL B 32 8.80 2.61 -10.85
C VAL B 32 8.33 2.28 -9.44
N ILE B 33 7.26 1.49 -9.33
CA ILE B 33 6.74 1.09 -8.02
C ILE B 33 7.81 0.36 -7.22
N LEU B 34 8.37 -0.71 -7.80
CA LEU B 34 9.35 -1.50 -7.09
C LEU B 34 10.60 -0.71 -6.74
N SER B 35 10.84 0.42 -7.40
CA SER B 35 12.01 1.25 -7.10
C SER B 35 11.72 2.28 -6.02
N GLY B 36 10.50 2.82 -5.98
CA GLY B 36 10.14 3.82 -5.01
C GLY B 36 10.70 5.21 -5.27
N LYS B 37 11.40 5.41 -6.39
CA LYS B 37 11.98 6.70 -6.72
C LYS B 37 10.93 7.69 -7.18
N ALA B 38 9.65 7.39 -6.88
CA ALA B 38 8.56 8.29 -7.25
C ALA B 38 7.46 8.33 -6.21
N SER B 39 7.68 7.79 -5.00
CA SER B 39 6.64 7.75 -3.98
C SER B 39 7.14 7.10 -2.70
N ASN B 40 6.85 7.71 -1.56
CA ASN B 40 7.14 7.12 -0.25
C ASN B 40 5.96 6.32 0.28
N ASN B 41 5.02 5.94 -0.58
CA ASN B 41 3.80 5.21 -0.21
C ASN B 41 3.87 3.84 -0.86
N PRO B 42 4.58 2.89 -0.27
CA PRO B 42 4.76 1.58 -0.91
C PRO B 42 3.45 0.84 -1.00
N PRO B 43 3.42 -0.27 -1.74
CA PRO B 43 2.22 -1.09 -1.78
C PRO B 43 2.05 -1.91 -0.51
N PHE B 44 0.80 -2.27 -0.23
CA PHE B 44 0.50 -3.09 0.93
C PHE B 44 1.15 -4.46 0.77
N VAL B 45 2.03 -4.81 1.70
CA VAL B 45 2.78 -6.05 1.62
C VAL B 45 1.95 -7.18 2.23
N ILE B 46 1.71 -8.22 1.44
CA ILE B 46 0.96 -9.39 1.88
C ILE B 46 1.99 -10.50 2.11
N HIS B 47 2.39 -10.69 3.37
CA HIS B 47 3.45 -11.63 3.72
C HIS B 47 2.96 -12.80 4.57
N ASP B 48 1.70 -12.80 5.00
CA ASP B 48 1.17 -13.88 5.82
C ASP B 48 -0.35 -13.86 5.72
N MET B 49 -1.01 -14.63 6.58
CA MET B 49 -2.46 -14.75 6.54
C MET B 49 -3.15 -13.50 7.09
N GLU B 50 -2.57 -12.86 8.11
CA GLU B 50 -3.18 -11.65 8.66
C GLU B 50 -3.20 -10.54 7.63
N THR B 51 -2.05 -10.27 7.01
CA THR B 51 -2.00 -9.24 5.97
C THR B 51 -2.86 -9.61 4.78
N LEU B 52 -3.02 -10.90 4.50
CA LEU B 52 -3.92 -11.32 3.44
C LEU B 52 -5.35 -10.92 3.77
N CYS B 53 -5.85 -11.34 4.94
CA CYS B 53 -7.21 -11.01 5.34
C CYS B 53 -7.41 -9.51 5.54
N MET B 54 -6.35 -8.78 5.87
CA MET B 54 -6.46 -7.32 5.91
C MET B 54 -6.77 -6.77 4.53
N ALA B 55 -5.96 -7.16 3.54
CA ALA B 55 -6.19 -6.70 2.17
C ALA B 55 -7.58 -7.10 1.69
N GLU B 56 -8.01 -8.32 2.04
CA GLU B 56 -9.31 -8.80 1.58
C GLU B 56 -10.45 -7.96 2.14
N LYS B 57 -10.25 -7.25 3.25
CA LYS B 57 -11.28 -6.34 3.75
C LYS B 57 -11.66 -5.30 2.71
N THR B 58 -10.76 -4.98 1.79
CA THR B 58 -11.08 -4.05 0.71
C THR B 58 -12.00 -4.68 -0.31
N LEU B 59 -11.62 -5.84 -0.83
CA LEU B 59 -12.39 -6.56 -1.85
C LEU B 59 -13.40 -7.52 -1.22
N VAL B 60 -14.09 -7.09 -0.17
CA VAL B 60 -15.01 -7.98 0.53
C VAL B 60 -16.34 -8.09 -0.21
N ALA B 61 -16.75 -7.03 -0.92
CA ALA B 61 -18.00 -7.10 -1.68
C ALA B 61 -17.89 -8.11 -2.81
N LYS B 62 -16.76 -8.13 -3.52
CA LYS B 62 -16.55 -9.14 -4.55
C LYS B 62 -16.44 -10.54 -3.96
N LEU B 63 -15.84 -10.66 -2.76
CA LEU B 63 -15.71 -11.98 -2.13
C LEU B 63 -17.06 -12.55 -1.76
N VAL B 64 -17.88 -11.78 -1.04
CA VAL B 64 -19.19 -12.25 -0.62
C VAL B 64 -20.07 -12.55 -1.84
N ALA B 65 -20.02 -11.66 -2.84
CA ALA B 65 -20.83 -11.88 -4.04
C ALA B 65 -20.54 -13.24 -4.67
N ASN B 66 -19.25 -13.61 -4.76
CA ASN B 66 -18.86 -14.91 -5.28
C ASN B 66 -18.95 -16.03 -4.24
N GLY B 67 -19.53 -15.74 -3.07
CA GLY B 67 -19.74 -16.75 -2.05
C GLY B 67 -18.50 -17.52 -1.65
N ILE B 68 -17.33 -16.91 -1.82
CA ILE B 68 -16.06 -17.54 -1.44
C ILE B 68 -15.44 -16.87 -0.22
N GLN B 69 -16.17 -15.95 0.43
CA GLN B 69 -15.59 -15.20 1.54
C GLN B 69 -15.10 -16.10 2.65
N ASN B 70 -15.63 -17.33 2.77
CA ASN B 70 -15.25 -18.26 3.81
C ASN B 70 -14.53 -19.49 3.28
N LYS B 71 -14.11 -19.47 2.02
CA LYS B 71 -13.30 -20.56 1.50
C LYS B 71 -11.88 -20.49 2.09
N GLU B 72 -11.13 -21.57 1.90
CA GLU B 72 -9.73 -21.57 2.31
C GLU B 72 -9.00 -20.38 1.69
N ALA B 73 -7.94 -19.94 2.36
CA ALA B 73 -7.15 -18.83 1.82
C ALA B 73 -6.62 -19.17 0.43
N GLU B 74 -6.07 -20.37 0.26
CA GLU B 74 -5.58 -20.79 -1.05
C GLU B 74 -6.65 -20.65 -2.12
N VAL B 75 -7.88 -21.04 -1.78
CA VAL B 75 -8.96 -20.99 -2.77
C VAL B 75 -9.29 -19.56 -3.15
N ARG B 76 -9.34 -18.66 -2.16
CA ARG B 76 -9.61 -17.26 -2.47
C ARG B 76 -8.58 -16.69 -3.43
N ILE B 77 -7.29 -16.88 -3.11
CA ILE B 77 -6.23 -16.44 -4.02
C ILE B 77 -6.44 -17.00 -5.41
N PHE B 78 -6.65 -18.32 -5.49
CA PHE B 78 -6.89 -18.99 -6.76
C PHE B 78 -8.01 -18.30 -7.55
N HIS B 79 -9.19 -18.19 -6.93
CA HIS B 79 -10.33 -17.58 -7.62
C HIS B 79 -10.03 -16.15 -8.05
N CYS B 80 -9.23 -15.42 -7.28
CA CYS B 80 -8.89 -14.06 -7.68
C CYS B 80 -7.90 -14.06 -8.84
N CYS B 81 -6.89 -14.94 -8.80
CA CYS B 81 -5.95 -15.01 -9.90
C CYS B 81 -6.64 -15.38 -11.20
N GLN B 82 -7.65 -16.25 -11.13
CA GLN B 82 -8.43 -16.57 -12.32
C GLN B 82 -8.98 -15.31 -12.97
N CYS B 83 -9.60 -14.44 -12.18
CA CYS B 83 -10.12 -13.19 -12.71
C CYS B 83 -9.03 -12.38 -13.40
N THR B 84 -7.82 -12.40 -12.87
CA THR B 84 -6.72 -11.67 -13.49
C THR B 84 -6.36 -12.28 -14.84
N SER B 85 -6.44 -13.61 -14.95
CA SER B 85 -6.12 -14.27 -16.22
C SER B 85 -7.22 -14.04 -17.24
N VAL B 86 -8.47 -14.24 -16.85
CA VAL B 86 -9.59 -13.95 -17.75
C VAL B 86 -9.46 -12.56 -18.34
N GLU B 87 -9.01 -11.60 -17.52
CA GLU B 87 -8.86 -10.23 -18.00
C GLU B 87 -7.69 -10.11 -18.96
N THR B 88 -6.54 -10.71 -18.64
CA THR B 88 -5.38 -10.61 -19.51
C THR B 88 -5.57 -11.42 -20.80
N VAL B 89 -6.31 -12.53 -20.73
CA VAL B 89 -6.67 -13.24 -21.95
C VAL B 89 -7.50 -12.34 -22.86
N THR B 90 -8.44 -11.59 -22.26
CA THR B 90 -9.25 -10.67 -23.03
C THR B 90 -8.40 -9.59 -23.68
N GLU B 91 -7.47 -9.01 -22.92
CA GLU B 91 -6.61 -7.97 -23.48
C GLU B 91 -5.70 -8.53 -24.56
N LEU B 92 -5.16 -9.74 -24.36
CA LEU B 92 -4.34 -10.36 -25.39
C LEU B 92 -5.13 -10.54 -26.67
N THR B 93 -6.38 -11.00 -26.57
CA THR B 93 -7.21 -11.16 -27.76
C THR B 93 -7.31 -9.85 -28.54
N GLU B 94 -7.56 -8.74 -27.85
CA GLU B 94 -7.55 -7.44 -28.51
C GLU B 94 -6.17 -7.13 -29.09
N PHE B 95 -5.13 -7.29 -28.28
CA PHE B 95 -3.77 -7.02 -28.75
C PHE B 95 -3.45 -7.78 -30.03
N ALA B 96 -3.96 -9.00 -30.17
CA ALA B 96 -3.64 -9.81 -31.33
C ALA B 96 -4.15 -9.19 -32.62
N LYS B 97 -5.22 -8.39 -32.55
CA LYS B 97 -5.76 -7.75 -33.75
C LYS B 97 -4.74 -6.83 -34.40
N ALA B 98 -3.85 -6.24 -33.60
CA ALA B 98 -2.83 -5.34 -34.12
C ALA B 98 -1.68 -6.08 -34.80
N ILE B 99 -1.68 -7.41 -34.77
CA ILE B 99 -0.64 -8.19 -35.44
C ILE B 99 -1.00 -8.29 -36.93
N PRO B 100 -0.22 -7.67 -37.81
CA PRO B 100 -0.55 -7.73 -39.24
C PRO B 100 -0.78 -9.14 -39.75
N GLY B 101 -2.03 -9.46 -40.10
CA GLY B 101 -2.40 -10.75 -40.64
C GLY B 101 -3.26 -11.58 -39.72
N PHE B 102 -3.28 -11.30 -38.43
CA PHE B 102 -4.02 -12.15 -37.49
C PHE B 102 -5.51 -12.14 -37.81
N ALA B 103 -6.11 -10.95 -37.84
CA ALA B 103 -7.55 -10.87 -38.13
C ALA B 103 -7.90 -11.57 -39.43
N ASN B 104 -6.97 -11.60 -40.39
CA ASN B 104 -7.22 -12.23 -41.68
C ASN B 104 -7.19 -13.76 -41.62
N LEU B 105 -6.84 -14.34 -40.48
CA LEU B 105 -6.76 -15.79 -40.39
C LEU B 105 -8.14 -16.40 -40.17
N ASP B 106 -8.25 -17.69 -40.48
CA ASP B 106 -9.47 -18.42 -40.19
C ASP B 106 -9.79 -18.35 -38.71
N LEU B 107 -11.06 -18.16 -38.39
CA LEU B 107 -11.45 -17.97 -36.99
C LEU B 107 -10.94 -19.11 -36.11
N ASN B 108 -11.11 -20.35 -36.56
CA ASN B 108 -10.65 -21.49 -35.78
C ASN B 108 -9.16 -21.35 -35.44
N ASP B 109 -8.35 -20.92 -36.41
CA ASP B 109 -6.92 -20.77 -36.15
C ASP B 109 -6.66 -19.65 -35.15
N GLN B 110 -7.38 -18.54 -35.25
CA GLN B 110 -7.24 -17.48 -34.25
C GLN B 110 -7.48 -18.04 -32.86
N VAL B 111 -8.59 -18.75 -32.66
CA VAL B 111 -8.87 -19.37 -31.38
C VAL B 111 -7.72 -20.28 -30.96
N THR B 112 -7.28 -21.15 -31.88
CA THR B 112 -6.21 -22.08 -31.54
C THR B 112 -4.92 -21.34 -31.19
N LEU B 113 -4.57 -20.33 -31.96
CA LEU B 113 -3.40 -19.53 -31.63
C LEU B 113 -3.54 -18.92 -30.23
N LEU B 114 -4.66 -18.25 -29.97
CA LEU B 114 -4.87 -17.66 -28.65
C LEU B 114 -4.96 -18.72 -27.56
N LYS B 115 -5.53 -19.88 -27.89
CA LYS B 115 -5.69 -20.93 -26.89
C LYS B 115 -4.34 -21.33 -26.29
N TYR B 116 -3.36 -21.61 -27.14
CA TYR B 116 -2.06 -22.10 -26.69
C TYR B 116 -1.07 -20.98 -26.38
N GLY B 117 -1.35 -19.75 -26.77
CA GLY B 117 -0.37 -18.69 -26.62
C GLY B 117 -0.58 -17.79 -25.42
N VAL B 118 -1.84 -17.62 -24.99
CA VAL B 118 -2.15 -16.64 -23.96
C VAL B 118 -1.29 -16.85 -22.73
N TYR B 119 -1.27 -18.08 -22.20
CA TYR B 119 -0.55 -18.31 -20.95
C TYR B 119 0.95 -18.18 -21.13
N GLU B 120 1.48 -18.55 -22.30
CA GLU B 120 2.89 -18.29 -22.55
C GLU B 120 3.19 -16.80 -22.53
N ALA B 121 2.21 -15.97 -22.91
CA ALA B 121 2.38 -14.53 -22.83
C ALA B 121 2.10 -14.02 -21.42
N ILE B 122 1.10 -14.61 -20.74
CA ILE B 122 0.79 -14.20 -19.38
C ILE B 122 2.03 -14.36 -18.48
N PHE B 123 2.75 -15.47 -18.63
CA PHE B 123 3.91 -15.72 -17.79
C PHE B 123 5.12 -14.90 -18.20
N ALA B 124 5.24 -14.57 -19.48
CA ALA B 124 6.31 -13.66 -19.91
C ALA B 124 6.06 -12.26 -19.37
N MET B 125 4.85 -11.74 -19.55
CA MET B 125 4.53 -10.43 -19.02
C MET B 125 4.47 -10.43 -17.50
N LEU B 126 4.13 -11.58 -16.88
CA LEU B 126 4.10 -11.66 -15.43
C LEU B 126 5.45 -11.33 -14.82
N SER B 127 6.54 -11.62 -15.55
CA SER B 127 7.88 -11.32 -15.03
C SER B 127 8.06 -9.84 -14.78
N SER B 128 7.34 -8.99 -15.51
CA SER B 128 7.54 -7.55 -15.40
C SER B 128 7.18 -7.03 -14.01
N VAL B 129 6.27 -7.71 -13.32
CA VAL B 129 5.84 -7.30 -11.98
C VAL B 129 6.50 -8.12 -10.89
N MET B 130 7.55 -8.85 -11.21
CA MET B 130 8.17 -9.79 -10.28
C MET B 130 9.60 -9.37 -9.95
N ASN B 131 10.01 -9.68 -8.72
CA ASN B 131 11.41 -9.67 -8.33
C ASN B 131 11.66 -10.89 -7.45
N LYS B 132 12.90 -11.04 -6.98
CA LYS B 132 13.27 -12.23 -6.23
C LYS B 132 12.44 -12.44 -4.97
N ASP B 133 11.68 -11.43 -4.52
CA ASP B 133 10.98 -11.51 -3.25
C ASP B 133 9.45 -11.48 -3.36
N GLY B 134 8.89 -11.17 -4.52
CA GLY B 134 7.46 -11.14 -4.67
C GLY B 134 7.06 -10.53 -6.00
N MET B 135 5.76 -10.24 -6.12
CA MET B 135 5.20 -9.68 -7.34
C MET B 135 4.10 -8.70 -7.00
N LEU B 136 4.00 -7.64 -7.81
CA LEU B 136 2.95 -6.65 -7.63
C LEU B 136 1.58 -7.23 -8.00
N VAL B 137 0.56 -6.83 -7.26
CA VAL B 137 -0.81 -7.29 -7.50
C VAL B 137 -1.74 -6.08 -7.40
N ALA B 138 -2.99 -6.31 -7.80
CA ALA B 138 -4.04 -5.29 -7.71
C ALA B 138 -3.61 -3.99 -8.39
N TYR B 139 -3.28 -4.12 -9.69
CA TYR B 139 -2.85 -2.98 -10.49
C TYR B 139 -1.72 -2.21 -9.80
N GLY B 140 -0.88 -2.92 -9.05
CA GLY B 140 0.30 -2.32 -8.45
C GLY B 140 0.14 -1.81 -7.04
N ASN B 141 -1.04 -1.94 -6.44
CA ASN B 141 -1.26 -1.44 -5.09
C ASN B 141 -0.84 -2.42 -4.01
N GLY B 142 -0.72 -3.70 -4.34
CA GLY B 142 -0.29 -4.69 -3.37
C GLY B 142 0.96 -5.44 -3.81
N PHE B 143 1.67 -6.03 -2.84
CA PHE B 143 2.86 -6.81 -3.12
C PHE B 143 2.81 -8.07 -2.26
N ILE B 144 2.50 -9.20 -2.89
CA ILE B 144 2.41 -10.48 -2.20
C ILE B 144 3.75 -11.18 -2.33
N THR B 145 4.32 -11.58 -1.19
CA THR B 145 5.69 -12.07 -1.16
C THR B 145 5.81 -13.47 -1.75
N ARG B 146 7.01 -13.76 -2.26
CA ARG B 146 7.27 -15.07 -2.84
C ARG B 146 7.28 -16.16 -1.78
N GLU B 147 7.68 -15.82 -0.55
CA GLU B 147 7.73 -16.82 0.50
C GLU B 147 6.35 -17.16 1.05
N PHE B 148 5.41 -16.19 1.05
CA PHE B 148 4.06 -16.51 1.49
C PHE B 148 3.38 -17.45 0.52
N LEU B 149 3.66 -17.34 -0.78
CA LEU B 149 3.03 -18.22 -1.75
C LEU B 149 3.50 -19.66 -1.56
N LYS B 150 4.79 -19.86 -1.31
CA LYS B 150 5.28 -21.19 -0.96
C LYS B 150 4.72 -21.67 0.38
N SER B 151 4.30 -20.73 1.25
CA SER B 151 3.79 -21.11 2.57
C SER B 151 2.43 -21.79 2.48
N LEU B 152 1.65 -21.49 1.43
CA LEU B 152 0.36 -22.14 1.27
C LEU B 152 0.54 -23.65 1.20
N ARG B 153 -0.56 -24.37 1.43
CA ARG B 153 -0.50 -25.83 1.36
C ARG B 153 -0.41 -26.28 -0.09
N LYS B 154 -0.02 -27.54 -0.27
CA LYS B 154 0.01 -28.12 -1.60
C LYS B 154 -1.41 -28.37 -2.09
N PRO B 155 -1.65 -28.28 -3.41
CA PRO B 155 -0.62 -28.00 -4.43
C PRO B 155 -0.49 -26.52 -4.76
N PHE B 156 -1.28 -25.68 -4.08
CA PHE B 156 -1.31 -24.26 -4.41
C PHE B 156 0.06 -23.62 -4.33
N CYS B 157 0.85 -23.98 -3.30
CA CYS B 157 2.18 -23.41 -3.16
C CYS B 157 3.06 -23.69 -4.37
N ASP B 158 2.76 -24.74 -5.13
CA ASP B 158 3.53 -25.10 -6.31
C ASP B 158 3.09 -24.37 -7.57
N ILE B 159 2.11 -23.48 -7.46
CA ILE B 159 1.59 -22.80 -8.65
C ILE B 159 2.53 -21.71 -9.13
N MET B 160 2.92 -20.80 -8.24
CA MET B 160 3.63 -19.59 -8.62
C MET B 160 5.14 -19.70 -8.56
N GLU B 161 5.69 -20.57 -7.71
CA GLU B 161 7.14 -20.65 -7.57
C GLU B 161 7.85 -20.88 -8.90
N PRO B 162 7.36 -21.75 -9.79
CA PRO B 162 8.04 -21.89 -11.10
C PRO B 162 7.97 -20.62 -11.94
N LYS B 163 6.94 -19.78 -11.75
CA LYS B 163 6.88 -18.53 -12.49
C LYS B 163 7.93 -17.55 -11.99
N PHE B 164 8.19 -17.54 -10.68
CA PHE B 164 9.29 -16.73 -10.17
C PHE B 164 10.62 -17.17 -10.75
N ASP B 165 10.84 -18.48 -10.84
CA ASP B 165 12.09 -18.99 -11.40
C ASP B 165 12.26 -18.50 -12.84
N PHE B 166 11.19 -18.54 -13.63
CA PHE B 166 11.27 -18.02 -14.99
C PHE B 166 11.52 -16.52 -14.97
N ALA B 167 10.74 -15.79 -14.18
CA ALA B 167 10.83 -14.33 -14.19
C ALA B 167 12.24 -13.85 -13.83
N MET B 168 12.88 -14.50 -12.87
CA MET B 168 14.22 -14.07 -12.47
C MET B 168 15.22 -14.26 -13.61
N LYS B 169 15.19 -15.43 -14.25
CA LYS B 169 16.07 -15.65 -15.40
C LYS B 169 15.68 -14.74 -16.57
N PHE B 170 14.38 -14.59 -16.81
CA PHE B 170 13.92 -13.76 -17.93
C PHE B 170 14.22 -12.29 -17.68
N ASN B 171 13.95 -11.79 -16.47
CA ASN B 171 14.20 -10.38 -16.17
C ASN B 171 15.66 -10.01 -16.30
N ALA B 172 16.58 -10.98 -16.22
CA ALA B 172 17.99 -10.68 -16.34
C ALA B 172 18.34 -10.16 -17.73
N LEU B 173 17.63 -10.61 -18.77
CA LEU B 173 17.88 -10.15 -20.13
C LEU B 173 17.62 -8.65 -20.28
N GLU B 174 16.98 -8.02 -19.30
CA GLU B 174 16.82 -6.56 -19.27
C GLU B 174 16.06 -6.06 -20.50
N LEU B 175 14.91 -6.66 -20.78
CA LEU B 175 14.08 -6.20 -21.87
C LEU B 175 13.22 -5.03 -21.41
N ASP B 176 12.76 -4.24 -22.38
CA ASP B 176 11.82 -3.15 -22.14
C ASP B 176 10.51 -3.47 -22.86
N ASP B 177 9.52 -2.60 -22.65
CA ASP B 177 8.19 -2.86 -23.21
C ASP B 177 8.21 -2.95 -24.73
N SER B 178 9.08 -2.19 -25.39
CA SER B 178 9.18 -2.30 -26.84
C SER B 178 9.65 -3.69 -27.26
N ASP B 179 10.52 -4.32 -26.46
CA ASP B 179 10.98 -5.67 -26.77
C ASP B 179 9.91 -6.70 -26.40
N ILE B 180 9.26 -6.53 -25.25
CA ILE B 180 8.31 -7.53 -24.77
C ILE B 180 7.12 -7.63 -25.72
N SER B 181 6.60 -6.48 -26.19
CA SER B 181 5.43 -6.50 -27.05
C SER B 181 5.68 -7.33 -28.31
N LEU B 182 6.79 -7.04 -29.01
CA LEU B 182 7.16 -7.87 -30.16
C LEU B 182 7.32 -9.33 -29.76
N PHE B 183 7.91 -9.57 -28.58
CA PHE B 183 8.07 -10.93 -28.09
C PHE B 183 6.72 -11.61 -27.91
N VAL B 184 5.80 -10.96 -27.20
CA VAL B 184 4.46 -11.52 -27.03
C VAL B 184 3.83 -11.80 -28.39
N ALA B 185 3.95 -10.85 -29.32
CA ALA B 185 3.40 -11.06 -30.65
C ALA B 185 3.99 -12.30 -31.31
N ALA B 186 5.30 -12.52 -31.13
CA ALA B 186 5.91 -13.72 -31.66
C ALA B 186 5.31 -14.98 -31.04
N ILE B 187 5.01 -14.93 -29.74
CA ILE B 187 4.39 -16.08 -29.08
C ILE B 187 3.06 -16.43 -29.74
N ILE B 188 2.20 -15.43 -29.93
CA ILE B 188 0.88 -15.68 -30.50
C ILE B 188 1.01 -16.23 -31.92
N CYS B 189 1.97 -15.73 -32.69
CA CYS B 189 2.20 -16.20 -34.06
C CYS B 189 3.10 -17.44 -34.06
N CYS B 190 2.59 -18.49 -33.43
CA CYS B 190 3.31 -19.76 -33.31
C CYS B 190 2.76 -20.71 -34.36
N GLY B 191 3.60 -21.09 -35.32
CA GLY B 191 3.16 -21.89 -36.44
C GLY B 191 2.94 -23.36 -36.18
N ASP B 192 3.38 -23.87 -35.03
CA ASP B 192 3.29 -25.30 -34.75
C ASP B 192 2.36 -25.58 -33.56
N ARG B 193 1.30 -24.79 -33.42
CA ARG B 193 0.30 -25.11 -32.42
C ARG B 193 -0.49 -26.34 -32.86
N PRO B 194 -0.87 -27.21 -31.93
CA PRO B 194 -1.65 -28.40 -32.31
C PRO B 194 -2.98 -28.03 -32.94
N GLY B 195 -3.23 -28.56 -34.12
CA GLY B 195 -4.51 -28.39 -34.79
C GLY B 195 -4.61 -27.21 -35.72
N LEU B 196 -3.53 -26.46 -35.93
CA LEU B 196 -3.57 -25.33 -36.85
C LEU B 196 -3.91 -25.80 -38.25
N LEU B 197 -4.88 -25.15 -38.87
CA LEU B 197 -5.31 -25.53 -40.22
C LEU B 197 -4.32 -25.04 -41.27
N ASN B 198 -4.18 -23.73 -41.42
CA ASN B 198 -3.34 -23.13 -42.46
C ASN B 198 -1.94 -22.86 -41.91
N VAL B 199 -1.21 -23.96 -41.69
CA VAL B 199 0.15 -23.85 -41.15
C VAL B 199 1.01 -22.99 -42.06
N GLY B 200 0.75 -22.99 -43.35
CA GLY B 200 1.51 -22.18 -44.28
C GLY B 200 1.42 -20.70 -44.03
N HIS B 201 0.20 -20.17 -44.02
N HIS B 201 0.21 -20.16 -44.02
CA HIS B 201 0.01 -18.73 -43.82
CA HIS B 201 0.03 -18.72 -43.83
C HIS B 201 0.58 -18.28 -42.48
C HIS B 201 0.58 -18.27 -42.48
N ILE B 202 0.24 -19.00 -41.41
CA ILE B 202 0.69 -18.61 -40.07
C ILE B 202 2.21 -18.55 -40.02
N GLU B 203 2.88 -19.57 -40.58
CA GLU B 203 4.34 -19.59 -40.55
C GLU B 203 4.92 -18.36 -41.24
N LYS B 204 4.34 -17.96 -42.38
CA LYS B 204 4.81 -16.76 -43.05
C LYS B 204 4.45 -15.51 -42.25
N MET B 205 3.33 -15.53 -41.54
CA MET B 205 3.03 -14.44 -40.62
C MET B 205 4.03 -14.39 -39.49
N GLN B 206 4.40 -15.57 -38.95
CA GLN B 206 5.36 -15.62 -37.85
C GLN B 206 6.73 -15.12 -38.29
N GLU B 207 7.18 -15.53 -39.48
CA GLU B 207 8.49 -15.08 -39.97
C GLU B 207 8.55 -13.56 -40.02
N GLY B 208 7.44 -12.91 -40.37
CA GLY B 208 7.42 -11.46 -40.39
C GLY B 208 7.61 -10.85 -39.01
N ILE B 209 6.82 -11.31 -38.04
CA ILE B 209 6.97 -10.83 -36.67
C ILE B 209 8.36 -11.17 -36.14
N VAL B 210 8.75 -12.44 -36.25
CA VAL B 210 10.07 -12.86 -35.77
C VAL B 210 11.18 -12.09 -36.46
N HIS B 211 10.94 -11.62 -37.70
CA HIS B 211 11.96 -10.86 -38.40
C HIS B 211 12.17 -9.50 -37.76
N VAL B 212 11.09 -8.74 -37.59
CA VAL B 212 11.20 -7.42 -36.97
C VAL B 212 11.71 -7.56 -35.53
N LEU B 213 11.30 -8.64 -34.85
CA LEU B 213 11.82 -8.87 -33.50
C LEU B 213 13.34 -9.03 -33.52
N ARG B 214 13.84 -9.83 -34.46
CA ARG B 214 15.29 -10.05 -34.53
C ARG B 214 16.03 -8.75 -34.81
N LEU B 215 15.45 -7.88 -35.65
CA LEU B 215 16.10 -6.62 -35.97
C LEU B 215 15.87 -5.55 -34.91
N HIS B 216 14.78 -5.66 -34.14
CA HIS B 216 14.53 -4.70 -33.08
C HIS B 216 15.44 -4.97 -31.88
N LEU B 217 15.56 -6.24 -31.47
CA LEU B 217 16.48 -6.58 -30.39
C LEU B 217 17.92 -6.26 -30.77
N GLN B 218 18.29 -6.53 -32.03
CA GLN B 218 19.63 -6.21 -32.48
C GLN B 218 19.89 -4.71 -32.45
N SER B 219 18.86 -3.90 -32.68
CA SER B 219 19.00 -2.44 -32.69
C SER B 219 18.87 -1.83 -31.31
N ASN B 220 18.03 -2.40 -30.44
CA ASN B 220 17.79 -1.84 -29.11
C ASN B 220 18.71 -2.42 -28.05
N HIS B 221 19.40 -3.52 -28.34
CA HIS B 221 20.36 -4.12 -27.40
C HIS B 221 21.59 -4.57 -28.18
N PRO B 222 22.31 -3.64 -28.79
CA PRO B 222 23.38 -4.03 -29.73
C PRO B 222 24.54 -4.76 -29.08
N ASP B 223 24.81 -4.53 -27.79
CA ASP B 223 25.92 -5.23 -27.14
C ASP B 223 25.55 -6.64 -26.71
N ASP B 224 24.29 -7.04 -26.84
CA ASP B 224 23.82 -8.38 -26.48
C ASP B 224 23.62 -9.16 -27.77
N ILE B 225 24.75 -9.61 -28.33
CA ILE B 225 24.74 -10.17 -29.69
C ILE B 225 23.71 -11.28 -29.82
N PHE B 226 23.67 -12.19 -28.85
CA PHE B 226 22.81 -13.36 -28.90
C PHE B 226 21.51 -13.18 -28.12
N LEU B 227 21.08 -11.94 -27.90
CA LEU B 227 19.81 -11.72 -27.21
C LEU B 227 18.67 -12.40 -27.96
N PHE B 228 18.73 -12.43 -29.29
CA PHE B 228 17.69 -13.10 -30.05
C PHE B 228 17.67 -14.60 -29.79
N PRO B 229 18.76 -15.33 -29.97
CA PRO B 229 18.73 -16.78 -29.64
C PRO B 229 18.31 -17.05 -28.20
N LYS B 230 18.71 -16.19 -27.27
CA LYS B 230 18.27 -16.36 -25.88
C LYS B 230 16.75 -16.31 -25.78
N LEU B 231 16.12 -15.35 -26.46
CA LEU B 231 14.67 -15.22 -26.37
C LEU B 231 13.97 -16.39 -27.03
N LEU B 232 14.53 -16.93 -28.11
CA LEU B 232 13.96 -18.14 -28.71
C LEU B 232 13.97 -19.28 -27.70
N GLN B 233 15.05 -19.43 -26.95
CA GLN B 233 15.08 -20.42 -25.88
C GLN B 233 14.03 -20.10 -24.83
N LYS B 234 13.87 -18.83 -24.48
CA LYS B 234 12.83 -18.44 -23.53
C LYS B 234 11.45 -18.80 -24.05
N MET B 235 11.25 -18.77 -25.37
CA MET B 235 9.96 -19.17 -25.93
C MET B 235 9.71 -20.66 -25.70
N ALA B 236 10.76 -21.49 -25.84
CA ALA B 236 10.60 -22.91 -25.55
C ALA B 236 10.33 -23.13 -24.06
N ASP B 237 11.11 -22.47 -23.19
CA ASP B 237 10.89 -22.59 -21.76
C ASP B 237 9.45 -22.24 -21.39
N LEU B 238 8.87 -21.26 -22.09
CA LEU B 238 7.50 -20.86 -21.79
C LEU B 238 6.51 -21.96 -22.16
N ARG B 239 6.66 -22.56 -23.35
CA ARG B 239 5.78 -23.66 -23.73
C ARG B 239 5.87 -24.79 -22.72
N GLN B 240 7.08 -25.17 -22.34
CA GLN B 240 7.26 -26.15 -21.26
C GLN B 240 6.57 -25.67 -20.00
N LEU B 241 6.73 -24.38 -19.67
CA LEU B 241 6.18 -23.86 -18.43
C LEU B 241 4.66 -23.92 -18.42
N VAL B 242 4.03 -23.60 -19.56
CA VAL B 242 2.58 -23.68 -19.64
C VAL B 242 2.12 -25.13 -19.62
N THR B 243 2.88 -26.02 -20.25
CA THR B 243 2.56 -27.44 -20.20
C THR B 243 2.47 -27.93 -18.77
N GLU B 244 3.52 -27.68 -17.98
CA GLU B 244 3.53 -28.11 -16.59
C GLU B 244 2.45 -27.41 -15.79
N HIS B 245 2.21 -26.12 -16.05
CA HIS B 245 1.16 -25.39 -15.36
C HIS B 245 -0.20 -26.05 -15.59
N ALA B 246 -0.52 -26.35 -16.85
CA ALA B 246 -1.82 -26.95 -17.16
C ALA B 246 -1.96 -28.33 -16.54
N GLN B 247 -0.88 -29.11 -16.48
CA GLN B 247 -0.93 -30.38 -15.77
C GLN B 247 -1.29 -30.18 -14.31
N LEU B 248 -0.80 -29.09 -13.70
CA LEU B 248 -1.11 -28.83 -12.29
C LEU B 248 -2.53 -28.31 -12.12
N VAL B 249 -3.11 -27.69 -13.15
CA VAL B 249 -4.51 -27.28 -13.08
C VAL B 249 -5.43 -28.50 -13.12
N GLN B 250 -5.10 -29.48 -13.97
CA GLN B 250 -5.90 -30.69 -14.04
C GLN B 250 -5.89 -31.43 -12.71
N ILE B 251 -4.75 -31.43 -12.02
CA ILE B 251 -4.67 -32.00 -10.68
C ILE B 251 -5.63 -31.25 -9.74
N ILE B 252 -5.45 -29.93 -9.65
CA ILE B 252 -6.30 -29.12 -8.77
C ILE B 252 -7.77 -29.27 -9.15
N LYS B 253 -8.07 -29.45 -10.44
CA LYS B 253 -9.46 -29.54 -10.86
C LYS B 253 -10.14 -30.76 -10.24
N LYS B 254 -9.42 -31.87 -10.12
CA LYS B 254 -9.99 -33.10 -9.58
C LYS B 254 -9.83 -33.20 -8.06
N THR B 255 -8.60 -33.03 -7.57
CA THR B 255 -8.30 -33.21 -6.16
C THR B 255 -8.59 -31.97 -5.32
N GLU B 256 -9.54 -31.15 -5.75
CA GLU B 256 -9.93 -29.95 -5.00
C GLU B 256 -11.34 -29.57 -5.43
N SER B 257 -12.30 -29.65 -4.51
CA SER B 257 -13.71 -29.46 -4.88
C SER B 257 -14.16 -28.01 -4.78
N ASP B 258 -13.60 -27.22 -3.87
CA ASP B 258 -14.02 -25.83 -3.71
C ASP B 258 -13.33 -24.87 -4.67
N ALA B 259 -12.40 -25.36 -5.49
CA ALA B 259 -11.69 -24.53 -6.45
C ALA B 259 -12.34 -24.73 -7.82
N ALA B 260 -13.40 -23.95 -8.08
CA ALA B 260 -14.06 -23.98 -9.39
C ALA B 260 -13.07 -23.57 -10.46
N LEU B 261 -13.55 -23.39 -11.69
CA LEU B 261 -12.67 -22.98 -12.79
C LEU B 261 -13.50 -22.14 -13.75
N HIS B 262 -13.25 -20.83 -13.78
CA HIS B 262 -13.95 -19.89 -14.64
C HIS B 262 -14.19 -20.51 -16.01
N PRO B 263 -15.39 -20.34 -16.58
CA PRO B 263 -15.68 -21.03 -17.85
C PRO B 263 -14.69 -20.70 -18.95
N LEU B 264 -14.39 -19.42 -19.17
CA LEU B 264 -13.47 -19.04 -20.24
C LEU B 264 -12.13 -19.76 -20.09
N LEU B 265 -11.63 -19.88 -18.85
CA LEU B 265 -10.38 -20.57 -18.64
C LEU B 265 -10.54 -22.08 -18.81
N GLN B 266 -11.70 -22.63 -18.46
CA GLN B 266 -11.91 -24.06 -18.59
C GLN B 266 -11.95 -24.47 -20.06
N GLU B 267 -12.36 -23.56 -20.95
CA GLU B 267 -12.31 -23.87 -22.38
C GLU B 267 -10.87 -23.85 -22.89
N ILE B 268 -10.06 -22.90 -22.41
CA ILE B 268 -8.66 -22.86 -22.82
C ILE B 268 -7.96 -24.17 -22.49
N TYR B 269 -8.20 -24.70 -21.29
CA TYR B 269 -7.51 -25.91 -20.85
C TYR B 269 -8.11 -27.19 -21.43
N ARG B 270 -9.34 -27.14 -21.93
CA ARG B 270 -9.96 -28.34 -22.47
C ARG B 270 -9.09 -28.93 -23.57
N ASP B 271 -8.65 -30.17 -23.38
CA ASP B 271 -7.87 -30.90 -24.38
C ASP B 271 -6.63 -30.14 -24.81
N MET B 272 -6.10 -29.29 -23.93
CA MET B 272 -4.92 -28.51 -24.29
C MET B 272 -3.73 -29.45 -24.54
N TYR B 273 -3.11 -29.94 -23.48
CA TYR B 273 -2.00 -30.88 -23.61
C TYR B 273 -2.36 -32.24 -23.05
C9 GW9 C . 5.92 19.79 22.67
C10 GW9 C . 4.93 18.83 22.50
C11 GW9 C . 3.96 19.00 21.52
C12 GW9 C . 3.98 20.12 20.71
N2 GW9 C . 2.97 20.31 19.68
O3 GW9 C . 2.57 21.61 19.33
O2 GW9 C . 2.48 19.38 19.16
C13 GW9 C . 4.96 21.08 20.88
C8 GW9 C . 5.93 20.92 21.86
C1 GW9 C . 7.01 22.00 22.01
O1 GW9 C . 8.11 21.68 22.25
N1 GW9 C . 6.63 23.39 21.82
C2 GW9 C . 7.59 24.49 21.90
C7 GW9 C . 7.23 25.71 21.37
C6 GW9 C . 8.11 26.78 21.44
C5 GW9 C . 9.35 26.62 22.03
C4 GW9 C . 9.71 25.40 22.56
C3 GW9 C . 8.83 24.33 22.50
H10 GW9 C . 4.92 18.08 23.04
H11 GW9 C . 3.30 18.36 21.41
H13 GW9 C . 4.97 21.83 20.33
HN1 GW9 C . 5.81 23.56 21.62
H7 GW9 C . 6.40 25.82 20.97
H6 GW9 C . 7.86 27.60 21.07
H5 GW9 C . 9.94 27.34 22.07
H4 GW9 C . 10.54 25.29 22.97
H3 GW9 C . 9.07 23.50 22.86
C9 GW9 D . 5.82 26.03 25.06
C10 GW9 D . 7.18 25.96 25.31
C11 GW9 D . 8.02 27.01 24.97
C12 GW9 D . 7.49 28.13 24.35
N2 GW9 D . 8.37 29.23 23.99
O3 GW9 D . 8.01 30.09 22.95
O2 GW9 D . 9.39 29.37 24.56
C13 GW9 D . 6.13 28.21 24.09
C8 GW9 D . 5.30 27.17 24.45
C1 GW9 D . 3.80 27.28 24.16
O1 GW9 D . 3.07 26.38 24.39
N1 GW9 D . 3.30 28.53 23.59
C2 GW9 D . 1.89 28.73 23.27
C7 GW9 D . 1.35 30.00 23.42
C6 GW9 D . 0.01 30.22 23.13
C5 GW9 D . -0.78 29.17 22.68
C4 GW9 D . -0.24 27.90 22.52
C3 GW9 D . 1.10 27.69 22.81
H10 GW9 D . 7.54 25.20 25.73
H11 GW9 D . 8.93 26.95 25.13
H13 GW9 D . 5.78 28.97 23.69
HN1 GW9 D . 3.85 29.17 23.42
H7 GW9 D . 1.88 30.70 23.72
H6 GW9 D . -0.36 31.07 23.23
H5 GW9 D . -1.68 29.32 22.47
H4 GW9 D . -0.76 27.21 22.22
H3 GW9 D . 1.47 26.83 22.71
C9 GW9 E . 2.99 23.97 30.45
C10 GW9 E . 3.30 24.98 29.56
C11 GW9 E . 4.34 25.86 29.82
C12 GW9 E . 5.07 25.72 30.99
N2 GW9 E . 6.16 26.63 31.26
O3 GW9 E . 6.43 27.70 30.39
O2 GW9 E . 6.83 26.47 32.22
C13 GW9 E . 4.77 24.72 31.89
C8 GW9 E . 3.73 23.83 31.62
C1 GW9 E . 3.40 22.72 32.62
O1 GW9 E . 2.53 21.95 32.41
N1 GW9 E . 4.16 22.57 33.85
C2 GW9 E . 3.78 21.49 34.73
C7 GW9 E . 4.54 20.34 34.77
C6 GW9 E . 4.19 19.29 35.60
C5 GW9 E . 3.07 19.41 36.42
C4 GW9 E . 2.30 20.56 36.38
C3 GW9 E . 2.66 21.61 35.53
H10 GW9 E . 2.80 25.06 28.77
H11 GW9 E . 4.54 26.53 29.21
H13 GW9 E . 5.27 24.62 32.66
HN1 GW9 E . 4.80 23.11 34.04
H7 GW9 E . 5.30 20.26 34.23
H6 GW9 E . 4.70 18.52 35.64
H5 GW9 E . 2.83 18.71 36.98
H4 GW9 E . 1.55 20.64 36.92
H3 GW9 E . 2.14 22.38 35.51
C9 GW9 F . -3.07 -13.81 -9.09
C10 GW9 F . -2.85 -13.95 -10.45
C11 GW9 F . -2.22 -12.93 -11.16
C12 GW9 F . -1.81 -11.77 -10.51
N2 GW9 F . -1.16 -10.71 -11.25
O3 GW9 F . -1.05 -9.43 -10.68
O2 GW9 F . -0.74 -10.92 -12.33
C13 GW9 F . -2.04 -11.64 -9.15
C8 GW9 F . -2.66 -12.66 -8.45
C1 GW9 F . -2.89 -12.49 -6.95
O1 GW9 F . -2.39 -13.24 -6.19
N1 GW9 F . -3.73 -11.37 -6.50
C2 GW9 F . -4.02 -11.11 -5.10
C7 GW9 F . -3.77 -12.04 -4.10
C6 GW9 F . -4.06 -11.73 -2.78
C5 GW9 F . -4.60 -10.50 -2.45
C4 GW9 F . -4.86 -9.58 -3.44
C3 GW9 F . -4.56 -9.88 -4.77
H10 GW9 F . -3.12 -14.71 -10.90
H11 GW9 F . -2.08 -13.02 -12.08
H13 GW9 F . -1.76 -10.87 -8.71
HN1 GW9 F . -4.07 -10.86 -7.10
H7 GW9 F . -3.40 -12.86 -4.32
H6 GW9 F . -3.89 -12.36 -2.11
H5 GW9 F . -4.80 -10.31 -1.56
H4 GW9 F . -5.23 -8.76 -3.22
H3 GW9 F . -4.74 -9.26 -5.43
C9 GW9 G . -7.70 -10.23 -5.79
C10 GW9 G . -7.90 -10.86 -4.57
C11 GW9 G . -8.06 -10.11 -3.42
C12 GW9 G . -8.04 -8.73 -3.49
N2 GW9 G . -8.22 -7.94 -2.29
O3 GW9 G . -8.77 -6.64 -2.39
O2 GW9 G . -7.90 -8.37 -1.24
C13 GW9 G . -7.85 -8.09 -4.70
C8 GW9 G . -7.68 -8.83 -5.86
C1 GW9 G . -7.47 -8.11 -7.19
O1 GW9 G . -7.01 -8.68 -8.11
N1 GW9 G . -7.86 -6.71 -7.25
C2 GW9 G . -7.72 -5.89 -8.46
C7 GW9 G . -7.71 -4.51 -8.31
C6 GW9 G . -7.59 -3.70 -9.43
C5 GW9 G . -7.48 -4.26 -10.69
C4 GW9 G . -7.49 -5.64 -10.83
C3 GW9 G . -7.61 -6.45 -9.72
H10 GW9 G . -7.91 -11.79 -4.54
H11 GW9 G . -8.19 -10.54 -2.61
H13 GW9 G . -7.84 -7.16 -4.74
HN1 GW9 G . -8.18 -6.34 -6.55
H7 GW9 G . -7.79 -4.13 -7.47
H6 GW9 G . -7.58 -2.77 -9.32
H5 GW9 G . -7.39 -3.72 -11.43
H4 GW9 G . -7.41 -6.02 -11.68
H3 GW9 G . -7.62 -7.38 -9.81
C9 GW9 H . -12.40 -12.73 -9.74
C10 GW9 H . -11.97 -11.67 -8.97
C11 GW9 H . -12.36 -11.58 -7.65
C12 GW9 H . -13.17 -12.56 -7.09
N2 GW9 H . -13.58 -12.48 -5.70
O3 GW9 H . -14.61 -13.30 -5.23
O2 GW9 H . -13.05 -11.72 -4.98
C13 GW9 H . -13.60 -13.62 -7.87
C8 GW9 H . -13.20 -13.71 -9.20
C1 GW9 H . -13.69 -14.89 -10.04
O1 GW9 H . -13.07 -15.24 -10.99
N1 GW9 H . -14.90 -15.59 -9.68
C2 GW9 H . -15.36 -16.71 -10.47
C7 GW9 H . -16.51 -16.60 -11.24
C6 GW9 H . -16.94 -17.66 -12.00
C5 GW9 H . -16.23 -18.85 -12.01
C4 GW9 H . -15.08 -18.97 -11.24
C3 GW9 H . -14.64 -17.89 -10.48
H10 GW9 H . -11.43 -11.01 -9.34
H11 GW9 H . -12.07 -10.87 -7.12
H13 GW9 H . -14.14 -14.28 -7.50
HN1 GW9 H . -15.36 -15.34 -8.98
H7 GW9 H . -16.99 -15.80 -11.24
H6 GW9 H . -17.71 -17.58 -12.52
H5 GW9 H . -16.51 -19.56 -12.52
H4 GW9 H . -14.60 -19.77 -11.24
H3 GW9 H . -13.87 -17.97 -9.96
C10 E0O I . -2.22 -18.65 -13.86
C13 E0O I . -1.58 -17.26 -11.56
C05 E0O I . -4.89 -20.05 -12.92
C06 E0O I . -5.57 -18.99 -12.05
C07 E0O I . -5.61 -21.37 -12.72
C09 E0O I . -2.72 -19.07 -12.63
C11 E0O I . -2.39 -18.38 -11.49
C14 E0O I . -1.09 -16.83 -12.78
C08 E0O I . -5.00 -19.66 -14.39
C12 E0O I . -1.41 -17.54 -13.94
O02 E0O I . -3.54 -20.21 -12.56
O03 E0O I . -5.08 -18.44 -14.72
O04 E0O I . -4.99 -20.55 -15.28
CL1 E0O I . -0.04 -15.40 -12.89
H01 E0O I . -2.44 -19.13 -14.63
H31 E0O I . -1.36 -16.78 -10.79
H62 E0O I . -6.50 -18.89 -12.33
H63 E0O I . -5.11 -18.14 -12.15
H61 E0O I . -5.54 -19.26 -11.12
H73 E0O I . -6.56 -21.26 -12.90
H71 E0O I . -5.50 -21.66 -11.80
H72 E0O I . -5.24 -22.04 -13.32
H11 E0O I . -2.72 -18.66 -10.66
H21 E0O I . -1.08 -17.25 -14.76
#